data_4LGG
#
_entry.id   4LGG
#
_cell.length_a   41.988
_cell.length_b   55.815
_cell.length_c   62.978
_cell.angle_alpha   89.98
_cell.angle_beta   90.06
_cell.angle_gamma   88.86
#
_symmetry.space_group_name_H-M   'P 1'
#
loop_
_entity.id
_entity.type
_entity.pdbx_description
1 polymer 'Proto-oncogene tyrosine-protein kinase Src'
2 non-polymer 1-tert-butyl-3-(3-methylbenzyl)-1H-pyrazolo[3,4-d]pyrimidin-4-amine
3 water water
#
_entity_poly.entity_id   1
_entity_poly.type   'polypeptide(L)'
_entity_poly.pdbx_seq_one_letter_code
;RESLRLEVKLGQGCFGEVWMGTWNGTTRVAIKTLKPGTMSPEAFLQEAQVMKKLRHEKLVQLYAVVSEEPIYIVGEYMSK
GSLLDFLKGEMGKYLRLPQLVDMAAQIASGMAYVERMNYVHRDLRAANILVGENLVCKVADFGLARLIEDNEYTARQGAK
FPIKWTAPEAALYGRFTIKSDVWSFGILLTELTTKGRVPYPGMVNREVLDQVERGYRMPCPPECPESLHDLMCQCWRKDP
EERPTFEYLQAFLEDYFTSTEPQYQPGENL
;
_entity_poly.pdbx_strand_id   A,B
#
loop_
_chem_comp.id
_chem_comp.type
_chem_comp.name
_chem_comp.formula
VGG non-polymer 1-tert-butyl-3-(3-methylbenzyl)-1H-pyrazolo[3,4-d]pyrimidin-4-amine 'C17 H21 N5'
#
# COMPACT_ATOMS: atom_id res chain seq x y z
N ARG A 1 21.89 -6.95 32.82
CA ARG A 1 22.62 -8.14 33.23
C ARG A 1 23.58 -8.61 32.15
N GLU A 2 23.22 -8.36 30.89
CA GLU A 2 24.07 -8.70 29.76
C GLU A 2 24.17 -10.20 29.52
N SER A 3 23.03 -10.89 29.57
CA SER A 3 22.99 -12.31 29.24
C SER A 3 22.16 -12.50 27.97
N LEU A 4 22.29 -11.56 27.05
CA LEU A 4 21.47 -11.53 25.83
C LEU A 4 22.24 -12.04 24.62
N ARG A 5 21.52 -12.55 23.64
CA ARG A 5 22.11 -13.03 22.39
C ARG A 5 21.20 -12.66 21.22
N LEU A 6 21.60 -11.63 20.47
CA LEU A 6 20.81 -11.17 19.34
C LEU A 6 20.96 -12.12 18.16
N GLU A 7 19.83 -12.57 17.61
CA GLU A 7 19.84 -13.55 16.53
C GLU A 7 19.37 -12.93 15.21
N VAL A 8 18.08 -12.63 15.13
CA VAL A 8 17.48 -12.11 13.91
C VAL A 8 17.11 -10.65 14.06
N LYS A 9 17.47 -9.84 13.07
CA LYS A 9 17.12 -8.42 13.07
C LYS A 9 15.68 -8.26 12.56
N LEU A 10 14.78 -7.90 13.47
CA LEU A 10 13.36 -7.78 13.13
C LEU A 10 13.09 -6.53 12.28
N GLY A 11 13.34 -5.37 12.87
CA GLY A 11 13.09 -4.12 12.19
C GLY A 11 14.16 -3.08 12.46
N GLN A 12 14.11 -1.97 11.75
CA GLN A 12 15.08 -0.90 11.90
C GLN A 12 14.39 0.46 11.79
N GLY A 13 14.68 1.35 12.74
CA GLY A 13 14.10 2.68 12.77
C GLY A 13 15.16 3.75 12.90
N GLY A 16 17.24 3.55 16.01
CA GLY A 16 17.32 2.33 16.79
C GLY A 16 17.02 1.09 15.95
N GLU A 17 16.97 -0.06 16.61
CA GLU A 17 16.68 -1.32 15.94
C GLU A 17 15.87 -2.23 16.86
N VAL A 18 15.41 -3.35 16.32
CA VAL A 18 14.69 -4.34 17.11
C VAL A 18 15.09 -5.75 16.68
N TRP A 19 15.43 -6.59 17.65
CA TRP A 19 15.96 -7.92 17.36
C TRP A 19 15.20 -9.02 18.08
N MET A 20 15.21 -10.21 17.48
CA MET A 20 14.73 -11.42 18.13
C MET A 20 15.94 -12.12 18.74
N GLY A 21 15.98 -12.19 20.08
CA GLY A 21 17.12 -12.76 20.75
C GLY A 21 16.75 -13.83 21.76
N THR A 22 17.65 -14.06 22.71
CA THR A 22 17.44 -15.07 23.75
C THR A 22 18.09 -14.63 25.06
N TRP A 23 17.26 -14.51 26.09
CA TRP A 23 17.72 -14.11 27.41
C TRP A 23 18.39 -15.30 28.11
N ASN A 24 19.58 -15.06 28.65
CA ASN A 24 20.37 -16.10 29.31
C ASN A 24 20.14 -17.51 28.78
N GLY A 25 20.29 -17.66 27.46
CA GLY A 25 20.32 -18.97 26.83
C GLY A 25 19.05 -19.79 26.91
N THR A 26 17.91 -19.14 27.13
CA THR A 26 16.63 -19.85 27.20
C THR A 26 15.47 -18.99 26.71
N THR A 27 14.92 -18.17 27.60
CA THR A 27 13.76 -17.35 27.30
C THR A 27 13.96 -16.54 26.01
N ARG A 28 13.11 -16.80 25.02
CA ARG A 28 13.13 -16.02 23.78
C ARG A 28 12.48 -14.66 24.04
N VAL A 29 13.17 -13.59 23.63
CA VAL A 29 12.72 -12.24 23.91
C VAL A 29 12.92 -11.32 22.71
N ALA A 30 12.34 -10.12 22.79
CA ALA A 30 12.55 -9.09 21.79
C ALA A 30 13.42 -8.01 22.41
N ILE A 31 14.28 -7.40 21.60
CA ILE A 31 15.23 -6.41 22.10
C ILE A 31 15.26 -5.17 21.23
N LYS A 32 14.82 -4.05 21.80
CA LYS A 32 14.86 -2.76 21.12
C LYS A 32 16.16 -2.04 21.48
N THR A 33 16.82 -1.47 20.48
CA THR A 33 18.10 -0.79 20.70
C THR A 33 18.04 0.68 20.30
N LEU A 34 18.81 1.50 21.02
CA LEU A 34 18.88 2.92 20.75
C LEU A 34 20.22 3.28 20.13
N LYS A 35 20.18 4.03 19.04
CA LYS A 35 21.39 4.55 18.42
C LYS A 35 21.75 5.89 19.06
N PRO A 36 22.90 5.96 19.74
CA PRO A 36 23.29 7.19 20.44
C PRO A 36 23.47 8.36 19.49
N GLY A 37 22.74 9.44 19.72
CA GLY A 37 22.82 10.62 18.89
C GLY A 37 22.00 11.77 19.44
N LEU A 45 13.39 5.83 25.95
CA LEU A 45 13.59 4.94 27.08
C LEU A 45 12.45 5.07 28.08
N GLN A 46 11.82 6.25 28.11
CA GLN A 46 10.70 6.51 29.01
C GLN A 46 9.65 5.40 28.93
N GLU A 47 9.61 4.72 27.79
CA GLU A 47 8.69 3.60 27.61
C GLU A 47 8.88 2.56 28.72
N ALA A 48 10.14 2.25 29.01
CA ALA A 48 10.47 1.28 30.06
C ALA A 48 9.92 1.74 31.41
N GLN A 49 10.07 3.02 31.70
CA GLN A 49 9.59 3.58 32.95
C GLN A 49 8.10 3.33 33.15
N VAL A 50 7.34 3.42 32.07
CA VAL A 50 5.90 3.21 32.13
C VAL A 50 5.57 1.73 32.31
N MET A 51 6.26 0.88 31.56
CA MET A 51 5.98 -0.56 31.58
C MET A 51 6.38 -1.21 32.90
N LYS A 52 7.02 -0.44 33.79
CA LYS A 52 7.33 -0.92 35.13
C LYS A 52 6.08 -0.92 36.00
N LYS A 53 5.22 0.08 35.81
CA LYS A 53 4.00 0.21 36.59
C LYS A 53 2.84 -0.57 35.98
N LEU A 54 2.78 -0.60 34.65
CA LEU A 54 1.68 -1.24 33.96
C LEU A 54 1.99 -2.69 33.61
N ARG A 55 1.22 -3.60 34.19
CA ARG A 55 1.34 -5.03 33.92
C ARG A 55 -0.02 -5.63 33.61
N HIS A 56 -0.25 -6.02 32.36
CA HIS A 56 -1.51 -6.60 31.95
C HIS A 56 -1.29 -7.58 30.81
N GLU A 57 -2.17 -8.58 30.70
CA GLU A 57 -2.00 -9.64 29.72
C GLU A 57 -2.12 -9.15 28.28
N LYS A 58 -2.83 -8.04 28.10
CA LYS A 58 -2.99 -7.44 26.77
C LYS A 58 -2.02 -6.27 26.55
N LEU A 59 -1.05 -6.15 27.44
CA LEU A 59 0.04 -5.19 27.27
C LEU A 59 1.34 -5.95 27.14
N VAL A 60 2.18 -5.54 26.19
CA VAL A 60 3.48 -6.17 26.02
C VAL A 60 4.26 -6.06 27.32
N GLN A 61 4.88 -7.16 27.74
CA GLN A 61 5.54 -7.24 29.04
C GLN A 61 6.99 -6.81 28.98
N LEU A 62 7.38 -5.91 29.88
CA LEU A 62 8.77 -5.52 30.04
C LEU A 62 9.49 -6.59 30.85
N TYR A 63 10.67 -7.01 30.38
CA TYR A 63 11.44 -8.03 31.07
C TYR A 63 12.64 -7.44 31.80
N ALA A 64 13.51 -6.75 31.07
CA ALA A 64 14.72 -6.19 31.65
C ALA A 64 15.24 -5.00 30.85
N VAL A 65 16.31 -4.39 31.33
CA VAL A 65 16.92 -3.24 30.66
C VAL A 65 18.43 -3.24 30.85
N VAL A 66 19.14 -2.66 29.89
CA VAL A 66 20.59 -2.48 29.99
C VAL A 66 20.90 -1.00 29.82
N SER A 67 20.88 -0.27 30.93
CA SER A 67 21.13 1.17 30.91
C SER A 67 22.60 1.47 30.68
N GLU A 68 23.06 1.22 29.46
CA GLU A 68 24.45 1.47 29.10
C GLU A 68 24.70 1.19 27.63
N GLU A 69 25.62 1.95 27.03
CA GLU A 69 25.95 1.79 25.61
C GLU A 69 24.93 2.52 24.73
N ILE A 71 20.28 0.39 27.04
CA ILE A 71 19.15 -0.34 26.51
C ILE A 71 19.17 -0.32 24.99
N TYR A 72 18.96 -1.45 24.32
CA TYR A 72 18.72 -2.75 24.95
C TYR A 72 17.55 -2.77 25.93
N ILE A 73 16.34 -2.62 25.40
CA ILE A 73 15.12 -2.84 26.18
C ILE A 73 14.59 -4.24 25.87
N VAL A 74 14.58 -5.09 26.88
CA VAL A 74 14.15 -6.49 26.70
C VAL A 74 12.67 -6.64 27.06
N GLY A 75 11.95 -7.43 26.29
CA GLY A 75 10.54 -7.62 26.53
C GLY A 75 9.93 -8.83 25.85
N GLU A 76 8.63 -9.00 26.05
CA GLU A 76 7.91 -10.14 25.49
C GLU A 76 7.96 -10.13 23.97
N TYR A 77 8.35 -11.26 23.39
CA TYR A 77 8.43 -11.40 21.94
C TYR A 77 7.08 -11.75 21.34
N MET A 78 6.66 -10.94 20.37
CA MET A 78 5.40 -11.16 19.66
C MET A 78 5.71 -11.61 18.24
N SER A 79 5.43 -12.87 17.96
CA SER A 79 5.93 -13.53 16.75
C SER A 79 5.34 -13.03 15.43
N LYS A 80 4.24 -12.29 15.49
CA LYS A 80 3.57 -11.84 14.26
C LYS A 80 3.74 -10.35 13.99
N GLY A 81 4.75 -9.73 14.60
CA GLY A 81 5.04 -8.33 14.36
C GLY A 81 3.90 -7.39 14.67
N SER A 82 3.94 -6.21 14.08
CA SER A 82 2.91 -5.20 14.31
C SER A 82 1.59 -5.59 13.65
N LEU A 83 0.51 -5.00 14.14
CA LEU A 83 -0.83 -5.28 13.62
C LEU A 83 -0.97 -4.70 12.22
N LEU A 84 -0.35 -3.55 11.97
CA LEU A 84 -0.38 -2.92 10.67
C LEU A 84 0.19 -3.86 9.61
N ASP A 85 1.38 -4.39 9.88
CA ASP A 85 2.03 -5.32 8.96
C ASP A 85 1.21 -6.60 8.83
N PHE A 86 0.57 -7.01 9.92
CA PHE A 86 -0.22 -8.23 9.93
C PHE A 86 -1.45 -8.12 9.03
N LEU A 87 -2.11 -6.98 9.07
CA LEU A 87 -3.30 -6.73 8.26
C LEU A 87 -2.93 -6.56 6.78
N LYS A 88 -1.81 -5.89 6.54
CA LYS A 88 -1.34 -5.65 5.18
C LYS A 88 -0.62 -6.87 4.61
N GLY A 89 -0.36 -7.85 5.46
CA GLY A 89 0.38 -9.03 5.06
C GLY A 89 -0.49 -10.04 4.33
N GLU A 90 0.01 -11.27 4.25
CA GLU A 90 -0.68 -12.34 3.55
C GLU A 90 -1.95 -12.77 4.28
N MET A 91 -1.99 -12.53 5.59
CA MET A 91 -3.12 -12.93 6.42
C MET A 91 -4.33 -12.03 6.21
N GLY A 92 -4.08 -10.78 5.84
CA GLY A 92 -5.13 -9.79 5.68
C GLY A 92 -6.35 -10.29 4.92
N LYS A 93 -6.11 -11.06 3.86
CA LYS A 93 -7.20 -11.49 2.99
C LYS A 93 -8.10 -12.55 3.62
N TYR A 94 -7.60 -13.20 4.65
CA TYR A 94 -8.35 -14.30 5.28
C TYR A 94 -9.09 -13.86 6.54
N LEU A 95 -8.70 -12.71 7.09
CA LEU A 95 -9.37 -12.19 8.28
C LEU A 95 -10.78 -11.70 7.96
N ARG A 96 -11.74 -12.09 8.79
CA ARG A 96 -13.11 -11.62 8.66
C ARG A 96 -13.53 -10.88 9.91
N LEU A 97 -14.74 -10.34 9.91
CA LEU A 97 -15.22 -9.51 11.00
C LEU A 97 -15.04 -10.17 12.37
N PRO A 98 -15.32 -11.48 12.47
CA PRO A 98 -15.17 -12.17 13.75
C PRO A 98 -13.75 -12.07 14.32
N GLN A 99 -12.76 -12.28 13.46
CA GLN A 99 -11.37 -12.22 13.89
C GLN A 99 -10.96 -10.77 14.19
N LEU A 100 -11.45 -9.85 13.37
CA LEU A 100 -11.11 -8.43 13.51
C LEU A 100 -11.74 -7.84 14.77
N VAL A 101 -13.02 -8.14 15.00
CA VAL A 101 -13.71 -7.67 16.18
C VAL A 101 -13.06 -8.24 17.43
N ASP A 102 -12.68 -9.50 17.36
CA ASP A 102 -11.99 -10.16 18.47
C ASP A 102 -10.71 -9.40 18.82
N MET A 103 -9.91 -9.11 17.80
CA MET A 103 -8.66 -8.37 17.99
C MET A 103 -8.92 -6.99 18.58
N ALA A 104 -10.04 -6.38 18.18
CA ALA A 104 -10.43 -5.08 18.71
C ALA A 104 -10.74 -5.18 20.20
N ALA A 105 -11.39 -6.27 20.58
CA ALA A 105 -11.80 -6.47 21.97
C ALA A 105 -10.58 -6.61 22.89
N GLN A 106 -9.54 -7.26 22.39
CA GLN A 106 -8.33 -7.46 23.18
C GLN A 106 -7.62 -6.14 23.43
N ILE A 107 -7.65 -5.26 22.42
CA ILE A 107 -7.01 -3.96 22.53
C ILE A 107 -7.81 -3.05 23.46
N ALA A 108 -9.13 -3.21 23.45
CA ALA A 108 -9.99 -2.46 24.36
C ALA A 108 -9.77 -2.92 25.79
N SER A 109 -9.44 -4.19 25.95
CA SER A 109 -9.16 -4.76 27.26
C SER A 109 -7.87 -4.18 27.85
N GLY A 110 -6.84 -4.06 27.01
CA GLY A 110 -5.59 -3.47 27.43
C GLY A 110 -5.74 -2.00 27.77
N MET A 111 -6.53 -1.29 26.97
CA MET A 111 -6.76 0.13 27.19
C MET A 111 -7.70 0.35 28.36
N ALA A 112 -8.53 -0.64 28.66
CA ALA A 112 -9.39 -0.58 29.83
C ALA A 112 -8.52 -0.59 31.08
N TYR A 113 -7.50 -1.43 31.08
CA TYR A 113 -6.54 -1.47 32.18
C TYR A 113 -5.85 -0.11 32.29
N VAL A 114 -5.31 0.37 31.18
CA VAL A 114 -4.69 1.69 31.12
C VAL A 114 -5.64 2.73 31.69
N GLU A 115 -6.90 2.64 31.29
CA GLU A 115 -7.93 3.58 31.74
C GLU A 115 -8.08 3.56 33.25
N ARG A 116 -8.14 2.37 33.83
CA ARG A 116 -8.29 2.22 35.27
C ARG A 116 -7.05 2.67 36.03
N MET A 117 -5.90 2.62 35.37
CA MET A 117 -4.65 3.02 35.99
C MET A 117 -4.40 4.52 35.85
N ASN A 118 -5.35 5.22 35.24
CA ASN A 118 -5.25 6.67 35.07
C ASN A 118 -4.08 7.10 34.21
N TYR A 119 -3.74 6.27 33.23
CA TYR A 119 -2.68 6.61 32.27
C TYR A 119 -3.27 6.95 30.91
N VAL A 120 -2.43 7.52 30.04
CA VAL A 120 -2.83 7.83 28.68
C VAL A 120 -1.75 7.34 27.72
N HIS A 121 -2.15 6.75 26.60
CA HIS A 121 -1.20 6.22 25.64
C HIS A 121 -0.65 7.34 24.75
N ARG A 122 -1.55 8.08 24.11
CA ARG A 122 -1.19 9.25 23.30
C ARG A 122 -0.77 8.88 21.88
N ASP A 123 -0.84 7.60 21.54
CA ASP A 123 -0.43 7.16 20.22
C ASP A 123 -0.93 5.75 19.91
N LEU A 124 -2.17 5.48 20.29
CA LEU A 124 -2.80 4.19 19.99
C LEU A 124 -3.09 4.10 18.49
N ARG A 125 -2.65 3.01 17.88
CA ARG A 125 -2.91 2.76 16.46
C ARG A 125 -2.29 1.43 16.04
N ALA A 126 -2.73 0.90 14.90
CA ALA A 126 -2.34 -0.44 14.46
C ALA A 126 -0.83 -0.66 14.47
N ALA A 127 -0.08 0.37 14.11
CA ALA A 127 1.37 0.26 14.02
C ALA A 127 1.98 0.02 15.39
N ASN A 128 1.26 0.42 16.44
CA ASN A 128 1.73 0.27 17.80
C ASN A 128 1.02 -0.86 18.54
N ILE A 129 0.38 -1.76 17.80
CA ILE A 129 -0.20 -2.96 18.36
C ILE A 129 0.58 -4.16 17.84
N LEU A 130 0.94 -5.08 18.74
CA LEU A 130 1.70 -6.25 18.36
C LEU A 130 0.82 -7.50 18.39
N VAL A 131 1.14 -8.46 17.52
CA VAL A 131 0.34 -9.67 17.40
C VAL A 131 1.20 -10.90 17.63
N GLY A 132 0.60 -11.94 18.19
CA GLY A 132 1.29 -13.20 18.44
C GLY A 132 0.56 -14.35 17.80
N GLU A 133 0.71 -15.54 18.38
CA GLU A 133 0.02 -16.73 17.89
C GLU A 133 -1.42 -16.71 18.37
N ASN A 134 -2.31 -17.34 17.60
CA ASN A 134 -3.72 -17.41 17.96
C ASN A 134 -4.33 -16.01 18.02
N LEU A 135 -3.93 -15.16 17.08
CA LEU A 135 -4.47 -13.81 16.96
C LEU A 135 -4.49 -13.05 18.29
N VAL A 136 -3.46 -13.26 19.11
CA VAL A 136 -3.32 -12.49 20.34
C VAL A 136 -2.77 -11.10 20.03
N CYS A 137 -3.46 -10.07 20.49
CA CYS A 137 -3.04 -8.69 20.27
C CYS A 137 -2.74 -8.01 21.59
N LYS A 138 -1.72 -7.17 21.60
CA LYS A 138 -1.34 -6.44 22.82
C LYS A 138 -0.87 -5.03 22.51
N VAL A 139 -1.14 -4.12 23.45
CA VAL A 139 -0.74 -2.73 23.30
C VAL A 139 0.74 -2.57 23.61
N ALA A 140 1.42 -1.72 22.83
CA ALA A 140 2.85 -1.50 23.01
C ALA A 140 3.18 -0.04 22.72
N ASP A 141 4.47 0.29 22.74
CA ASP A 141 4.93 1.65 22.48
C ASP A 141 4.33 2.64 23.47
N PHE A 142 4.55 2.39 24.76
CA PHE A 142 4.08 3.29 25.81
C PHE A 142 5.09 4.41 26.06
N PRO A 162 0.79 12.42 14.64
CA PRO A 162 -0.12 11.75 13.72
C PRO A 162 -1.53 12.32 13.80
N ILE A 163 -1.81 13.33 12.98
CA ILE A 163 -3.08 14.03 13.03
C ILE A 163 -4.25 13.09 12.76
N LYS A 164 -4.07 12.18 11.82
CA LYS A 164 -5.15 11.30 11.39
C LYS A 164 -5.62 10.36 12.50
N TRP A 165 -4.74 10.12 13.48
CA TRP A 165 -5.08 9.24 14.60
C TRP A 165 -5.34 10.02 15.90
N THR A 166 -5.01 11.30 15.91
CA THR A 166 -5.08 12.10 17.12
C THR A 166 -6.38 12.88 17.21
N ALA A 167 -7.00 12.85 18.39
CA ALA A 167 -8.22 13.60 18.63
C ALA A 167 -7.98 15.09 18.46
N PRO A 168 -8.96 15.82 17.92
CA PRO A 168 -8.84 17.25 17.66
C PRO A 168 -8.30 18.05 18.85
N GLU A 169 -8.94 17.90 20.00
CA GLU A 169 -8.54 18.67 21.18
C GLU A 169 -7.11 18.35 21.61
N ALA A 170 -6.62 17.17 21.24
CA ALA A 170 -5.28 16.74 21.59
C ALA A 170 -4.25 17.32 20.63
N ALA A 171 -4.57 17.27 19.34
CA ALA A 171 -3.66 17.75 18.30
C ALA A 171 -3.61 19.28 18.29
N LEU A 172 -4.71 19.91 18.70
CA LEU A 172 -4.81 21.37 18.66
C LEU A 172 -4.34 22.02 19.96
N TYR A 173 -4.87 21.54 21.09
CA TYR A 173 -4.65 22.21 22.36
C TYR A 173 -3.90 21.33 23.37
N GLY A 174 -3.48 20.15 22.94
CA GLY A 174 -2.72 19.26 23.80
C GLY A 174 -3.55 18.64 24.90
N ARG A 175 -4.86 18.59 24.72
CA ARG A 175 -5.74 17.97 25.70
C ARG A 175 -5.71 16.45 25.59
N PHE A 176 -4.60 15.85 26.00
CA PHE A 176 -4.45 14.41 25.96
C PHE A 176 -5.06 13.76 27.19
N THR A 177 -6.11 12.97 26.97
CA THR A 177 -6.74 12.20 28.04
C THR A 177 -7.06 10.80 27.52
N ILE A 178 -7.61 9.96 28.38
CA ILE A 178 -8.01 8.63 27.97
C ILE A 178 -9.09 8.73 26.89
N LYS A 179 -9.82 9.85 26.89
CA LYS A 179 -10.86 10.07 25.90
C LYS A 179 -10.28 10.37 24.52
N SER A 180 -9.08 10.92 24.48
CA SER A 180 -8.39 11.14 23.22
C SER A 180 -7.83 9.82 22.69
N ASP A 181 -7.57 8.88 23.59
CA ASP A 181 -7.20 7.52 23.20
C ASP A 181 -8.41 6.79 22.64
N VAL A 182 -9.59 7.06 23.20
CA VAL A 182 -10.82 6.48 22.69
C VAL A 182 -11.06 6.89 21.24
N TRP A 183 -10.81 8.17 20.95
CA TRP A 183 -10.90 8.67 19.59
C TRP A 183 -9.95 7.89 18.68
N SER A 184 -8.73 7.67 19.17
CA SER A 184 -7.72 6.95 18.40
C SER A 184 -8.14 5.51 18.15
N PHE A 185 -8.84 4.93 19.11
CA PHE A 185 -9.35 3.57 18.98
C PHE A 185 -10.37 3.49 17.84
N GLY A 186 -11.17 4.53 17.70
CA GLY A 186 -12.15 4.59 16.62
C GLY A 186 -11.48 4.54 15.27
N ILE A 187 -10.34 5.22 15.16
CA ILE A 187 -9.56 5.23 13.93
C ILE A 187 -8.95 3.84 13.73
N LEU A 188 -8.53 3.22 14.82
CA LEU A 188 -7.95 1.88 14.77
C LEU A 188 -8.99 0.87 14.27
N LEU A 189 -10.26 1.12 14.58
CA LEU A 189 -11.33 0.25 14.11
C LEU A 189 -11.41 0.30 12.58
N THR A 190 -11.21 1.48 12.02
CA THR A 190 -11.27 1.63 10.57
C THR A 190 -10.08 0.91 9.92
N GLU A 191 -8.97 0.84 10.66
CA GLU A 191 -7.80 0.12 10.19
C GLU A 191 -8.06 -1.39 10.12
N LEU A 192 -8.74 -1.91 11.14
CA LEU A 192 -9.09 -3.32 11.17
C LEU A 192 -10.05 -3.67 10.03
N THR A 193 -11.10 -2.86 9.87
CA THR A 193 -12.14 -3.15 8.90
C THR A 193 -11.74 -2.85 7.46
N THR A 194 -10.69 -2.03 7.28
CA THR A 194 -10.14 -1.80 5.95
C THR A 194 -8.92 -2.68 5.72
N LYS A 195 -8.52 -3.40 6.76
CA LYS A 195 -7.38 -4.31 6.69
C LYS A 195 -6.08 -3.58 6.39
N GLY A 196 -5.81 -2.51 7.14
CA GLY A 196 -4.52 -1.85 7.09
C GLY A 196 -4.49 -0.51 6.40
N ARG A 197 -5.50 -0.20 5.61
CA ARG A 197 -5.50 1.05 4.84
C ARG A 197 -5.30 2.26 5.73
N VAL A 198 -4.66 3.29 5.19
CA VAL A 198 -4.46 4.54 5.90
C VAL A 198 -5.79 5.30 5.99
N PRO A 199 -6.10 5.84 7.19
CA PRO A 199 -7.35 6.60 7.39
C PRO A 199 -7.44 7.85 6.50
N TYR A 200 -8.66 8.32 6.28
CA TYR A 200 -8.90 9.52 5.47
C TYR A 200 -8.17 9.43 4.13
N PRO A 201 -8.44 8.36 3.36
CA PRO A 201 -7.75 8.12 2.10
C PRO A 201 -7.91 9.27 1.11
N GLY A 202 -6.78 9.78 0.59
CA GLY A 202 -6.81 10.86 -0.37
C GLY A 202 -6.59 12.22 0.25
N MET A 203 -6.85 12.34 1.56
CA MET A 203 -6.70 13.60 2.25
C MET A 203 -5.33 13.71 2.92
N VAL A 204 -4.76 14.91 2.89
CA VAL A 204 -3.50 15.17 3.57
C VAL A 204 -3.78 15.74 4.96
N ASN A 205 -2.77 15.72 5.82
CA ASN A 205 -2.93 16.19 7.20
C ASN A 205 -3.78 17.45 7.31
N ARG A 206 -3.46 18.44 6.50
CA ARG A 206 -4.15 19.73 6.57
C ARG A 206 -5.64 19.59 6.30
N GLU A 207 -5.99 18.89 5.22
CA GLU A 207 -7.39 18.68 4.87
C GLU A 207 -8.11 17.91 5.96
N VAL A 208 -7.39 17.00 6.62
CA VAL A 208 -7.97 16.19 7.69
C VAL A 208 -8.31 17.05 8.89
N LEU A 209 -7.48 18.05 9.16
CA LEU A 209 -7.72 18.95 10.28
C LEU A 209 -8.90 19.87 9.98
N ASP A 210 -8.88 20.47 8.79
CA ASP A 210 -9.94 21.38 8.38
C ASP A 210 -11.29 20.66 8.30
N GLN A 211 -11.27 19.43 7.79
CA GLN A 211 -12.50 18.66 7.59
C GLN A 211 -13.09 18.15 8.89
N VAL A 212 -12.25 17.50 9.71
CA VAL A 212 -12.71 16.93 10.96
C VAL A 212 -13.27 18.00 11.90
N GLU A 213 -12.71 19.21 11.82
CA GLU A 213 -13.19 20.32 12.64
C GLU A 213 -14.57 20.78 12.20
N ARG A 214 -14.88 20.59 10.92
CA ARG A 214 -16.16 20.99 10.37
C ARG A 214 -17.20 19.87 10.47
N GLY A 215 -16.88 18.83 11.23
CA GLY A 215 -17.85 17.76 11.51
C GLY A 215 -17.73 16.55 10.61
N TYR A 216 -16.73 16.54 9.74
CA TYR A 216 -16.52 15.41 8.84
C TYR A 216 -16.04 14.18 9.61
N ARG A 217 -16.56 13.02 9.22
CA ARG A 217 -16.11 11.75 9.79
C ARG A 217 -16.06 10.72 8.67
N MET A 218 -15.09 9.81 8.75
CA MET A 218 -14.97 8.75 7.75
C MET A 218 -16.28 8.00 7.60
N PRO A 219 -16.61 7.58 6.36
CA PRO A 219 -17.85 6.83 6.12
C PRO A 219 -17.77 5.40 6.63
N CYS A 220 -18.84 4.64 6.42
CA CYS A 220 -18.85 3.23 6.79
C CYS A 220 -18.07 2.41 5.76
N PRO A 221 -17.00 1.74 6.21
CA PRO A 221 -16.19 0.92 5.30
C PRO A 221 -17.02 -0.14 4.59
N PRO A 222 -16.62 -0.51 3.36
CA PRO A 222 -17.33 -1.55 2.60
C PRO A 222 -17.53 -2.83 3.41
N GLU A 223 -18.75 -3.35 3.37
CA GLU A 223 -19.08 -4.61 4.05
C GLU A 223 -18.94 -4.52 5.57
N CYS A 224 -18.82 -3.31 6.10
CA CYS A 224 -18.79 -3.12 7.54
C CYS A 224 -20.20 -2.75 8.03
N PRO A 225 -20.74 -3.54 8.97
CA PRO A 225 -22.08 -3.25 9.50
C PRO A 225 -22.15 -1.86 10.12
N GLU A 226 -23.24 -1.15 9.84
CA GLU A 226 -23.43 0.20 10.34
C GLU A 226 -23.32 0.26 11.86
N SER A 227 -23.64 -0.84 12.53
CA SER A 227 -23.56 -0.90 13.98
C SER A 227 -22.14 -0.65 14.47
N LEU A 228 -21.17 -1.17 13.74
CA LEU A 228 -19.77 -1.01 14.10
C LEU A 228 -19.29 0.40 13.75
N HIS A 229 -19.76 0.91 12.62
CA HIS A 229 -19.43 2.27 12.21
C HIS A 229 -20.04 3.27 13.18
N ASP A 230 -21.17 2.90 13.76
CA ASP A 230 -21.82 3.73 14.76
C ASP A 230 -20.92 3.82 16.00
N LEU A 231 -20.30 2.69 16.34
CA LEU A 231 -19.39 2.66 17.47
C LEU A 231 -18.22 3.61 17.22
N MET A 232 -17.72 3.60 15.98
CA MET A 232 -16.64 4.51 15.61
C MET A 232 -17.06 5.95 15.85
N CYS A 233 -18.22 6.31 15.31
CA CYS A 233 -18.73 7.68 15.43
C CYS A 233 -18.90 8.10 16.88
N GLN A 234 -19.22 7.14 17.75
CA GLN A 234 -19.32 7.42 19.18
C GLN A 234 -17.94 7.74 19.74
N CYS A 235 -16.92 7.05 19.23
CA CYS A 235 -15.55 7.33 19.62
C CYS A 235 -15.08 8.68 19.08
N TRP A 236 -15.77 9.18 18.06
CA TRP A 236 -15.37 10.40 17.38
C TRP A 236 -16.23 11.61 17.74
N ARG A 237 -17.01 11.50 18.81
CA ARG A 237 -17.87 12.61 19.21
C ARG A 237 -17.04 13.84 19.54
N LYS A 238 -17.57 15.01 19.19
CA LYS A 238 -16.87 16.27 19.39
C LYS A 238 -16.51 16.46 20.86
N ASP A 239 -17.45 16.16 21.74
CA ASP A 239 -17.22 16.29 23.18
C ASP A 239 -16.57 15.03 23.74
N PRO A 240 -15.34 15.15 24.25
CA PRO A 240 -14.60 14.01 24.80
C PRO A 240 -15.41 13.22 25.83
N GLU A 241 -16.01 13.91 26.79
CA GLU A 241 -16.71 13.24 27.88
C GLU A 241 -17.90 12.42 27.38
N GLU A 242 -18.32 12.66 26.15
CA GLU A 242 -19.46 11.94 25.57
C GLU A 242 -19.03 10.64 24.89
N ARG A 243 -17.74 10.51 24.61
CA ARG A 243 -17.20 9.28 24.03
C ARG A 243 -17.27 8.18 25.08
N PRO A 244 -17.40 6.91 24.62
CA PRO A 244 -17.52 5.78 25.55
C PRO A 244 -16.20 5.44 26.23
N THR A 245 -16.27 4.64 27.30
CA THR A 245 -15.08 4.18 27.99
C THR A 245 -14.56 2.91 27.32
N PHE A 246 -13.31 2.57 27.58
CA PHE A 246 -12.72 1.35 27.05
C PHE A 246 -13.38 0.12 27.67
N GLU A 247 -14.02 0.32 28.83
CA GLU A 247 -14.76 -0.74 29.47
C GLU A 247 -16.01 -1.06 28.65
N TYR A 248 -16.73 -0.01 28.27
CA TYR A 248 -17.90 -0.15 27.41
C TYR A 248 -17.49 -0.76 26.08
N LEU A 249 -16.38 -0.28 25.52
CA LEU A 249 -15.90 -0.75 24.23
C LEU A 249 -15.55 -2.23 24.28
N GLN A 250 -14.88 -2.64 25.36
CA GLN A 250 -14.51 -4.04 25.53
C GLN A 250 -15.74 -4.92 25.54
N ALA A 251 -16.67 -4.63 26.45
CA ALA A 251 -17.88 -5.42 26.61
C ALA A 251 -18.67 -5.48 25.31
N PHE A 252 -18.78 -4.34 24.63
CA PHE A 252 -19.55 -4.25 23.39
C PHE A 252 -18.96 -5.16 22.31
N LEU A 253 -17.63 -5.18 22.21
CA LEU A 253 -16.96 -5.95 21.16
C LEU A 253 -16.96 -7.44 21.50
N GLU A 254 -16.86 -7.76 22.78
CA GLU A 254 -16.86 -9.15 23.22
C GLU A 254 -18.21 -9.82 22.93
N ASP A 255 -19.29 -9.04 22.97
CA ASP A 255 -20.63 -9.59 22.79
C ASP A 255 -21.21 -9.29 21.40
N TYR A 256 -20.40 -8.68 20.54
CA TYR A 256 -20.88 -8.14 19.28
C TYR A 256 -21.81 -9.06 18.50
N PHE A 257 -21.39 -10.31 18.28
CA PHE A 257 -22.12 -11.21 17.40
C PHE A 257 -23.27 -11.94 18.10
N THR A 258 -23.64 -11.48 19.29
CA THR A 258 -24.78 -12.04 20.01
C THR A 258 -25.81 -10.96 20.32
N SER A 259 -25.34 -9.82 20.80
CA SER A 259 -26.24 -8.73 21.22
C SER A 259 -26.49 -7.72 20.13
N THR A 260 -25.59 -7.64 19.15
CA THR A 260 -25.65 -6.58 18.14
C THR A 260 -25.91 -7.11 16.74
N GLU A 261 -25.10 -8.06 16.29
CA GLU A 261 -25.27 -8.64 14.96
C GLU A 261 -25.39 -10.16 15.02
N PRO A 262 -26.43 -10.66 15.69
CA PRO A 262 -26.68 -12.10 15.79
C PRO A 262 -27.00 -12.75 14.45
N GLN A 263 -27.29 -11.93 13.44
CA GLN A 263 -27.63 -12.44 12.12
C GLN A 263 -26.49 -12.21 11.14
N TYR A 264 -25.28 -12.03 11.66
CA TYR A 264 -24.12 -11.79 10.81
C TYR A 264 -23.83 -12.97 9.88
N GLN A 265 -23.44 -12.65 8.65
CA GLN A 265 -23.09 -13.66 7.67
C GLN A 265 -21.81 -13.23 6.96
N PRO A 266 -20.86 -14.17 6.80
CA PRO A 266 -19.58 -13.86 6.14
C PRO A 266 -19.78 -13.24 4.76
N GLY A 267 -18.82 -12.42 4.34
CA GLY A 267 -18.86 -11.79 3.04
C GLY A 267 -17.56 -12.01 2.29
N GLU A 268 -17.37 -11.27 1.21
CA GLU A 268 -16.19 -11.42 0.37
C GLU A 268 -14.94 -10.97 1.11
N ASN A 269 -15.03 -9.85 1.83
CA ASN A 269 -13.88 -9.29 2.53
C ASN A 269 -14.05 -9.27 4.05
N LEU A 270 -15.29 -9.12 4.51
CA LEU A 270 -15.57 -9.06 5.94
C LEU A 270 -16.71 -10.00 6.32
N ARG B 1 -13.18 10.52 -41.92
CA ARG B 1 -11.79 10.92 -41.91
C ARG B 1 -11.66 12.44 -42.00
N GLU B 2 -12.71 13.09 -42.47
CA GLU B 2 -12.68 14.53 -42.68
C GLU B 2 -12.79 15.29 -41.37
N SER B 3 -13.22 14.60 -40.33
CA SER B 3 -13.38 15.21 -39.01
C SER B 3 -12.06 15.34 -38.27
N LEU B 4 -10.99 14.82 -38.86
CA LEU B 4 -9.68 14.83 -38.22
C LEU B 4 -8.71 15.79 -38.92
N ARG B 5 -7.96 16.54 -38.12
CA ARG B 5 -6.96 17.46 -38.65
C ARG B 5 -5.60 17.16 -38.01
N LEU B 6 -4.75 16.46 -38.73
CA LEU B 6 -3.43 16.10 -38.23
C LEU B 6 -2.51 17.31 -38.25
N GLU B 7 -1.85 17.57 -37.12
CA GLU B 7 -1.00 18.75 -36.98
C GLU B 7 0.46 18.37 -36.75
N VAL B 8 0.76 17.84 -35.57
CA VAL B 8 2.13 17.51 -35.19
C VAL B 8 2.36 16.01 -35.21
N LYS B 9 3.39 15.57 -35.94
CA LYS B 9 3.73 14.17 -36.03
C LYS B 9 4.50 13.71 -34.80
N LEU B 10 3.89 12.81 -34.03
CA LEU B 10 4.52 12.30 -32.81
C LEU B 10 5.32 11.03 -33.09
N GLY B 11 4.92 10.29 -34.11
CA GLY B 11 5.59 9.05 -34.48
C GLY B 11 5.68 8.86 -35.98
N GLY B 16 3.02 2.71 -39.65
CA GLY B 16 2.78 3.04 -38.26
C GLY B 16 3.23 4.45 -37.92
N GLU B 17 2.28 5.28 -37.50
CA GLU B 17 2.59 6.66 -37.10
C GLU B 17 1.62 7.13 -36.03
N VAL B 18 1.99 8.21 -35.34
CA VAL B 18 1.12 8.81 -34.33
C VAL B 18 1.15 10.32 -34.45
N TRP B 19 -0.02 10.95 -34.39
CA TRP B 19 -0.13 12.39 -34.59
C TRP B 19 -0.92 13.07 -33.47
N MET B 20 -0.71 14.38 -33.34
CA MET B 20 -1.48 15.21 -32.43
C MET B 20 -2.35 16.15 -33.25
N GLY B 21 -3.65 15.85 -33.33
CA GLY B 21 -4.54 16.63 -34.16
C GLY B 21 -5.76 17.13 -33.42
N THR B 22 -6.84 17.37 -34.17
CA THR B 22 -8.08 17.86 -33.60
C THR B 22 -9.28 17.12 -34.21
N TRP B 23 -10.28 16.86 -33.36
CA TRP B 23 -11.46 16.13 -33.79
C TRP B 23 -12.67 17.05 -33.79
N ASN B 24 -13.32 17.17 -34.94
CA ASN B 24 -14.46 18.06 -35.09
C ASN B 24 -14.10 19.51 -34.81
N GLY B 25 -12.81 19.83 -34.96
CA GLY B 25 -12.34 21.20 -34.80
C GLY B 25 -12.33 21.71 -33.38
N THR B 26 -12.32 20.80 -32.41
CA THR B 26 -12.32 21.20 -30.99
C THR B 26 -11.58 20.18 -30.13
N THR B 27 -12.20 19.03 -29.92
CA THR B 27 -11.63 17.99 -29.08
C THR B 27 -10.20 17.65 -29.48
N ARG B 28 -9.25 17.91 -28.59
CA ARG B 28 -7.86 17.56 -28.83
C ARG B 28 -7.68 16.05 -28.69
N VAL B 29 -7.03 15.43 -29.68
CA VAL B 29 -6.90 13.99 -29.71
C VAL B 29 -5.55 13.52 -30.24
N ALA B 30 -5.22 12.27 -29.95
CA ALA B 30 -4.06 11.62 -30.53
C ALA B 30 -4.54 10.63 -31.59
N ILE B 31 -3.80 10.52 -32.68
CA ILE B 31 -4.22 9.70 -33.81
C ILE B 31 -3.12 8.73 -34.23
N LYS B 32 -3.36 7.43 -34.05
CA LYS B 32 -2.42 6.41 -34.47
C LYS B 32 -2.80 5.87 -35.85
N THR B 33 -1.93 6.11 -36.83
CA THR B 33 -2.19 5.69 -38.20
C THR B 33 -1.44 4.40 -38.53
N LEU B 34 -1.92 3.71 -39.56
CA LEU B 34 -1.30 2.46 -40.00
C LEU B 34 -0.67 2.62 -41.39
N LYS B 35 0.47 1.97 -41.60
CA LYS B 35 1.11 1.96 -42.90
C LYS B 35 0.70 0.70 -43.65
N PRO B 36 -0.07 0.86 -44.74
CA PRO B 36 -0.57 -0.29 -45.51
C PRO B 36 0.54 -1.23 -45.95
N GLY B 37 0.32 -2.53 -45.78
CA GLY B 37 1.27 -3.53 -46.23
C GLY B 37 2.25 -3.96 -45.16
N THR B 38 2.32 -3.22 -44.06
CA THR B 38 3.25 -3.53 -42.98
C THR B 38 2.58 -4.43 -41.94
N MET B 39 1.32 -4.16 -41.65
CA MET B 39 0.58 -4.94 -40.66
C MET B 39 -0.88 -5.09 -41.07
N SER B 40 -1.48 -6.21 -40.69
CA SER B 40 -2.87 -6.48 -41.01
C SER B 40 -3.79 -5.49 -40.28
N PRO B 41 -4.83 -5.02 -40.96
CA PRO B 41 -5.77 -4.07 -40.35
C PRO B 41 -6.56 -4.71 -39.20
N GLU B 42 -7.01 -5.94 -39.41
CA GLU B 42 -7.78 -6.65 -38.40
C GLU B 42 -6.94 -6.85 -37.14
N ALA B 43 -5.63 -6.97 -37.32
CA ALA B 43 -4.71 -7.13 -36.21
C ALA B 43 -4.38 -5.78 -35.60
N PHE B 44 -4.33 -4.75 -36.45
CA PHE B 44 -4.06 -3.39 -36.01
C PHE B 44 -5.20 -2.87 -35.13
N LEU B 45 -6.41 -3.38 -35.36
CA LEU B 45 -7.58 -2.93 -34.61
C LEU B 45 -7.71 -3.62 -33.26
N GLN B 46 -7.12 -4.80 -33.13
CA GLN B 46 -7.21 -5.60 -31.91
C GLN B 46 -7.13 -4.70 -30.68
N GLU B 47 -6.21 -3.73 -30.73
CA GLU B 47 -6.04 -2.78 -29.64
C GLU B 47 -7.31 -1.95 -29.41
N ALA B 48 -7.95 -1.56 -30.51
CA ALA B 48 -9.18 -0.77 -30.44
C ALA B 48 -10.38 -1.60 -29.99
N GLN B 49 -10.39 -2.87 -30.40
CA GLN B 49 -11.48 -3.78 -30.03
C GLN B 49 -11.52 -3.95 -28.50
N VAL B 50 -10.35 -3.98 -27.88
CA VAL B 50 -10.25 -4.15 -26.44
C VAL B 50 -10.68 -2.89 -25.69
N MET B 51 -10.30 -1.73 -26.22
CA MET B 51 -10.61 -0.46 -25.57
C MET B 51 -12.11 -0.11 -25.66
N LYS B 52 -12.86 -0.89 -26.44
CA LYS B 52 -14.30 -0.72 -26.49
C LYS B 52 -14.92 -1.30 -25.21
N LYS B 53 -14.29 -2.33 -24.68
CA LYS B 53 -14.83 -3.04 -23.53
C LYS B 53 -14.18 -2.54 -22.23
N LEU B 54 -12.97 -2.01 -22.34
CA LEU B 54 -12.25 -1.50 -21.16
C LEU B 54 -12.35 0.02 -21.06
N ARG B 55 -12.89 0.49 -19.95
CA ARG B 55 -13.05 1.92 -19.70
C ARG B 55 -12.64 2.23 -18.26
N HIS B 56 -11.57 2.99 -18.09
CA HIS B 56 -11.07 3.33 -16.76
C HIS B 56 -10.26 4.61 -16.79
N GLU B 57 -10.31 5.36 -15.70
CA GLU B 57 -9.63 6.66 -15.61
C GLU B 57 -8.13 6.54 -15.85
N LYS B 58 -7.55 5.41 -15.46
CA LYS B 58 -6.11 5.21 -15.62
C LYS B 58 -5.78 4.39 -16.85
N LEU B 59 -6.75 4.30 -17.77
CA LEU B 59 -6.54 3.67 -19.06
C LEU B 59 -6.80 4.69 -20.16
N VAL B 60 -5.94 4.71 -21.17
CA VAL B 60 -6.11 5.62 -22.29
C VAL B 60 -7.45 5.34 -22.97
N GLN B 61 -8.27 6.37 -23.09
CA GLN B 61 -9.63 6.22 -23.61
C GLN B 61 -9.68 6.25 -25.14
N LEU B 62 -10.39 5.29 -25.71
CA LEU B 62 -10.62 5.26 -27.15
C LEU B 62 -11.76 6.23 -27.49
N TYR B 63 -11.63 6.92 -28.62
CA TYR B 63 -12.64 7.87 -29.05
C TYR B 63 -13.36 7.40 -30.31
N ALA B 64 -12.60 7.09 -31.37
CA ALA B 64 -13.19 6.67 -32.64
C ALA B 64 -12.21 5.84 -33.46
N VAL B 65 -12.65 5.44 -34.65
CA VAL B 65 -11.81 4.65 -35.56
C VAL B 65 -12.11 4.98 -37.02
N VAL B 66 -11.16 4.63 -37.89
CA VAL B 66 -11.35 4.80 -39.33
C VAL B 66 -10.92 3.53 -40.04
N SER B 67 -11.88 2.62 -40.22
CA SER B 67 -11.61 1.33 -40.84
C SER B 67 -11.13 1.46 -42.28
N GLU B 68 -11.39 2.62 -42.88
CA GLU B 68 -10.98 2.87 -44.26
C GLU B 68 -9.46 3.02 -44.35
N GLU B 69 -8.92 2.74 -45.54
CA GLU B 69 -7.49 2.85 -45.78
C GLU B 69 -6.72 1.75 -45.06
N TYR B 72 -6.67 4.49 -38.92
CA TYR B 72 -6.57 5.51 -37.87
C TYR B 72 -7.26 5.07 -36.59
N ILE B 73 -6.63 5.39 -35.46
CA ILE B 73 -7.24 5.18 -34.15
C ILE B 73 -7.19 6.48 -33.36
N VAL B 74 -8.35 6.97 -32.94
CA VAL B 74 -8.43 8.23 -32.22
C VAL B 74 -8.65 8.00 -30.73
N GLY B 75 -7.82 8.65 -29.90
CA GLY B 75 -7.93 8.50 -28.46
C GLY B 75 -7.49 9.75 -27.74
N GLU B 76 -7.63 9.76 -26.41
CA GLU B 76 -7.28 10.93 -25.62
C GLU B 76 -5.80 11.23 -25.73
N TYR B 77 -5.47 12.52 -25.80
CA TYR B 77 -4.09 12.96 -25.98
C TYR B 77 -3.37 13.06 -24.64
N MET B 78 -2.27 12.32 -24.51
CA MET B 78 -1.44 12.36 -23.31
C MET B 78 -0.24 13.27 -23.54
N SER B 79 -0.27 14.42 -22.88
CA SER B 79 0.67 15.52 -23.16
C SER B 79 2.15 15.14 -23.09
N LYS B 80 2.51 14.32 -22.11
CA LYS B 80 3.93 14.06 -21.83
C LYS B 80 4.45 12.75 -22.44
N GLY B 81 3.75 12.24 -23.44
CA GLY B 81 4.20 11.05 -24.15
C GLY B 81 4.42 9.84 -23.26
N SER B 82 5.26 8.91 -23.72
CA SER B 82 5.50 7.66 -23.00
C SER B 82 6.28 7.89 -21.71
N LEU B 83 6.07 7.00 -20.74
CA LEU B 83 6.72 7.10 -19.44
C LEU B 83 8.22 6.86 -19.56
N LEU B 84 8.60 5.98 -20.47
CA LEU B 84 10.02 5.70 -20.70
C LEU B 84 10.74 6.98 -21.11
N ASP B 85 10.20 7.67 -22.11
CA ASP B 85 10.78 8.94 -22.57
C ASP B 85 10.73 9.98 -21.47
N PHE B 86 9.65 9.97 -20.69
CA PHE B 86 9.47 10.94 -19.61
C PHE B 86 10.53 10.78 -18.53
N LEU B 87 10.81 9.53 -18.16
CA LEU B 87 11.82 9.24 -17.15
C LEU B 87 13.22 9.54 -17.66
N LYS B 88 13.47 9.17 -18.92
CA LYS B 88 14.75 9.42 -19.55
C LYS B 88 14.88 10.89 -19.94
N GLY B 89 13.75 11.60 -19.99
CA GLY B 89 13.73 12.98 -20.44
C GLY B 89 14.37 13.95 -19.49
N GLU B 90 13.99 15.22 -19.61
CA GLU B 90 14.56 16.29 -18.81
C GLU B 90 14.01 16.24 -17.39
N MET B 91 12.78 15.79 -17.25
CA MET B 91 12.12 15.71 -15.95
C MET B 91 12.71 14.61 -15.07
N GLY B 92 13.34 13.62 -15.72
CA GLY B 92 13.87 12.47 -15.01
C GLY B 92 14.65 12.79 -13.75
N LYS B 93 15.50 13.80 -13.81
CA LYS B 93 16.41 14.10 -12.71
C LYS B 93 15.70 14.71 -11.50
N TYR B 94 14.48 15.22 -11.70
CA TYR B 94 13.76 15.90 -10.63
C TYR B 94 12.77 14.98 -9.91
N LEU B 95 12.46 13.84 -10.51
CA LEU B 95 11.54 12.89 -9.90
C LEU B 95 12.18 12.20 -8.70
N ARG B 96 11.43 12.12 -7.60
CA ARG B 96 11.88 11.42 -6.40
C ARG B 96 10.91 10.29 -6.07
N LEU B 97 11.23 9.52 -5.03
CA LEU B 97 10.43 8.35 -4.67
C LEU B 97 8.94 8.66 -4.56
N PRO B 98 8.59 9.79 -3.91
CA PRO B 98 7.18 10.15 -3.78
C PRO B 98 6.46 10.24 -5.12
N GLN B 99 7.10 10.86 -6.11
CA GLN B 99 6.50 10.99 -7.42
C GLN B 99 6.50 9.65 -8.15
N LEU B 100 7.59 8.91 -8.01
CA LEU B 100 7.73 7.63 -8.69
C LEU B 100 6.76 6.59 -8.14
N VAL B 101 6.51 6.63 -6.84
CA VAL B 101 5.61 5.68 -6.20
C VAL B 101 4.16 5.99 -6.55
N ASP B 102 3.82 7.28 -6.60
CA ASP B 102 2.48 7.69 -6.98
C ASP B 102 2.16 7.20 -8.39
N MET B 103 3.10 7.45 -9.31
CA MET B 103 2.94 6.99 -10.69
C MET B 103 2.74 5.48 -10.75
N ALA B 104 3.47 4.76 -9.91
CA ALA B 104 3.33 3.31 -9.82
C ALA B 104 1.93 2.93 -9.34
N ALA B 105 1.41 3.71 -8.39
CA ALA B 105 0.09 3.45 -7.83
C ALA B 105 -1.01 3.64 -8.87
N GLN B 106 -0.83 4.61 -9.75
CA GLN B 106 -1.81 4.89 -10.79
C GLN B 106 -1.87 3.74 -11.78
N ILE B 107 -0.71 3.23 -12.15
CA ILE B 107 -0.62 2.12 -13.10
C ILE B 107 -1.19 0.85 -12.46
N ALA B 108 -0.97 0.69 -11.16
CA ALA B 108 -1.53 -0.43 -10.42
C ALA B 108 -3.04 -0.35 -10.42
N SER B 109 -3.56 0.88 -10.35
CA SER B 109 -5.00 1.10 -10.36
C SER B 109 -5.61 0.69 -11.70
N GLY B 110 -4.93 1.02 -12.78
CA GLY B 110 -5.37 0.65 -14.11
C GLY B 110 -5.34 -0.85 -14.31
N MET B 111 -4.28 -1.49 -13.83
CA MET B 111 -4.13 -2.93 -13.98
C MET B 111 -5.07 -3.67 -13.04
N ALA B 112 -5.46 -3.00 -11.95
CA ALA B 112 -6.45 -3.56 -11.03
C ALA B 112 -7.78 -3.69 -11.75
N TYR B 113 -8.16 -2.65 -12.48
CA TYR B 113 -9.38 -2.67 -13.28
C TYR B 113 -9.29 -3.81 -14.30
N VAL B 114 -8.16 -3.88 -14.99
CA VAL B 114 -7.90 -4.96 -15.94
C VAL B 114 -8.09 -6.30 -15.24
N GLU B 115 -7.54 -6.40 -14.04
CA GLU B 115 -7.59 -7.63 -13.26
C GLU B 115 -9.05 -8.05 -12.99
N ARG B 116 -9.87 -7.08 -12.59
CA ARG B 116 -11.27 -7.35 -12.27
C ARG B 116 -12.08 -7.71 -13.51
N MET B 117 -11.66 -7.22 -14.67
CA MET B 117 -12.36 -7.48 -15.91
C MET B 117 -11.93 -8.81 -16.54
N ASN B 118 -10.99 -9.50 -15.90
CA ASN B 118 -10.50 -10.79 -16.37
C ASN B 118 -9.74 -10.69 -17.69
N TYR B 119 -9.09 -9.55 -17.92
CA TYR B 119 -8.26 -9.38 -19.11
C TYR B 119 -6.79 -9.47 -18.75
N VAL B 120 -5.95 -9.65 -19.78
CA VAL B 120 -4.50 -9.67 -19.61
C VAL B 120 -3.89 -8.68 -20.60
N HIS B 121 -2.88 -7.94 -20.16
CA HIS B 121 -2.23 -6.94 -21.01
C HIS B 121 -1.18 -7.60 -21.92
N ARG B 122 -0.19 -8.24 -21.29
CA ARG B 122 0.83 -9.04 -21.99
C ARG B 122 2.09 -8.25 -22.37
N ASP B 123 1.96 -6.93 -22.47
CA ASP B 123 3.12 -6.10 -22.79
C ASP B 123 3.21 -4.87 -21.89
N LEU B 124 3.08 -5.09 -20.58
CA LEU B 124 3.14 -4.01 -19.61
C LEU B 124 4.59 -3.58 -19.37
N ARG B 125 4.84 -2.28 -19.53
CA ARG B 125 6.17 -1.71 -19.28
C ARG B 125 6.16 -0.21 -19.54
N ALA B 126 7.22 0.47 -19.11
CA ALA B 126 7.28 1.93 -19.17
C ALA B 126 6.94 2.49 -20.55
N ALA B 127 7.45 1.83 -21.59
CA ALA B 127 7.25 2.31 -22.96
C ALA B 127 5.78 2.30 -23.34
N ASN B 128 5.01 1.44 -22.70
CA ASN B 128 3.58 1.33 -22.98
C ASN B 128 2.71 2.02 -21.92
N ILE B 129 3.32 2.90 -21.15
CA ILE B 129 2.59 3.74 -20.21
C ILE B 129 2.69 5.19 -20.67
N LEU B 130 1.55 5.87 -20.74
CA LEU B 130 1.53 7.26 -21.19
C LEU B 130 1.35 8.21 -20.00
N VAL B 131 1.95 9.39 -20.13
CA VAL B 131 1.90 10.39 -19.07
C VAL B 131 1.23 11.66 -19.57
N GLY B 132 0.47 12.30 -18.69
CA GLY B 132 -0.17 13.57 -19.01
C GLY B 132 0.33 14.65 -18.08
N GLU B 133 -0.49 15.69 -17.88
CA GLU B 133 -0.13 16.76 -16.97
C GLU B 133 -0.35 16.31 -15.53
N ASN B 134 0.35 16.95 -14.60
CA ASN B 134 0.24 16.61 -13.18
C ASN B 134 0.59 15.15 -12.92
N LEU B 135 1.60 14.65 -13.63
CA LEU B 135 2.10 13.30 -13.43
C LEU B 135 1.03 12.22 -13.52
N VAL B 136 -0.01 12.48 -14.32
CA VAL B 136 -1.03 11.47 -14.55
C VAL B 136 -0.48 10.37 -15.45
N CYS B 137 -0.62 9.13 -15.02
CA CYS B 137 -0.14 7.98 -15.79
C CYS B 137 -1.29 7.05 -16.13
N LYS B 138 -1.28 6.52 -17.36
CA LYS B 138 -2.33 5.61 -17.79
C LYS B 138 -1.77 4.47 -18.63
N VAL B 139 -2.42 3.31 -18.55
CA VAL B 139 -2.02 2.14 -19.32
C VAL B 139 -2.50 2.25 -20.76
N ALA B 140 -1.66 1.82 -21.69
CA ALA B 140 -1.99 1.88 -23.12
C ALA B 140 -1.43 0.67 -23.84
N ASP B 141 -1.55 0.67 -25.16
CA ASP B 141 -1.07 -0.42 -25.99
C ASP B 141 -1.67 -1.76 -25.57
N PHE B 142 -2.98 -1.90 -25.75
CA PHE B 142 -3.66 -3.16 -25.46
C PHE B 142 -3.71 -4.04 -26.70
N PRO B 162 9.56 -9.12 -25.66
CA PRO B 162 10.45 -8.55 -24.66
C PRO B 162 10.67 -9.49 -23.48
N ILE B 163 11.72 -10.29 -23.54
CA ILE B 163 11.98 -11.31 -22.53
C ILE B 163 12.25 -10.70 -21.17
N LYS B 164 12.90 -9.54 -21.15
CA LYS B 164 13.29 -8.91 -19.89
C LYS B 164 12.08 -8.44 -19.08
N TRP B 165 10.93 -8.32 -19.74
CA TRP B 165 9.71 -7.86 -19.09
C TRP B 165 8.68 -8.98 -18.91
N THR B 166 8.92 -10.13 -19.53
CA THR B 166 7.93 -11.20 -19.55
C THR B 166 8.22 -12.26 -18.50
N ALA B 167 7.17 -12.68 -17.79
CA ALA B 167 7.30 -13.72 -16.78
C ALA B 167 7.74 -15.03 -17.42
N PRO B 168 8.63 -15.77 -16.73
CA PRO B 168 9.19 -17.03 -17.24
C PRO B 168 8.15 -17.95 -17.86
N GLU B 169 7.08 -18.22 -17.12
CA GLU B 169 6.05 -19.15 -17.59
C GLU B 169 5.38 -18.65 -18.86
N ALA B 170 5.38 -17.33 -19.05
CA ALA B 170 4.75 -16.73 -20.22
C ALA B 170 5.67 -16.77 -21.43
N ALA B 171 6.94 -16.45 -21.21
CA ALA B 171 7.92 -16.41 -22.29
C ALA B 171 8.26 -17.81 -22.78
N LEU B 172 8.20 -18.79 -21.88
CA LEU B 172 8.59 -20.16 -22.21
C LEU B 172 7.42 -21.02 -22.68
N TYR B 173 6.31 -20.97 -21.94
CA TYR B 173 5.19 -21.87 -22.21
C TYR B 173 3.91 -21.12 -22.60
N GLY B 174 4.05 -19.86 -22.95
CA GLY B 174 2.91 -19.06 -23.39
C GLY B 174 1.81 -18.96 -22.35
N ARG B 175 2.16 -19.12 -21.08
CA ARG B 175 1.19 -19.04 -20.00
C ARG B 175 0.98 -17.59 -19.57
N PHE B 176 0.20 -16.85 -20.36
CA PHE B 176 -0.07 -15.45 -20.06
C PHE B 176 -1.30 -15.30 -19.17
N THR B 177 -1.09 -14.78 -17.97
CA THR B 177 -2.18 -14.51 -17.04
C THR B 177 -1.99 -13.13 -16.43
N ILE B 178 -2.95 -12.70 -15.62
CA ILE B 178 -2.81 -11.43 -14.92
C ILE B 178 -1.61 -11.48 -13.98
N LYS B 179 -1.23 -12.69 -13.58
CA LYS B 179 -0.09 -12.89 -12.70
C LYS B 179 1.22 -12.68 -13.44
N SER B 180 1.22 -12.92 -14.74
CA SER B 180 2.40 -12.64 -15.56
C SER B 180 2.55 -11.13 -15.78
N ASP B 181 1.42 -10.43 -15.74
CA ASP B 181 1.44 -8.96 -15.79
C ASP B 181 2.01 -8.40 -14.49
N VAL B 182 1.70 -9.06 -13.37
CA VAL B 182 2.22 -8.65 -12.07
C VAL B 182 3.75 -8.72 -12.07
N TRP B 183 4.29 -9.72 -12.76
CA TRP B 183 5.74 -9.86 -12.92
C TRP B 183 6.29 -8.66 -13.69
N SER B 184 5.59 -8.28 -14.76
CA SER B 184 6.01 -7.18 -15.61
C SER B 184 5.98 -5.87 -14.84
N PHE B 185 4.99 -5.73 -13.96
CA PHE B 185 4.87 -4.56 -13.12
C PHE B 185 6.09 -4.44 -12.21
N GLY B 186 6.57 -5.58 -11.73
CA GLY B 186 7.76 -5.61 -10.91
C GLY B 186 8.97 -5.06 -11.65
N ILE B 187 9.07 -5.42 -12.93
CA ILE B 187 10.15 -4.92 -13.77
C ILE B 187 9.93 -3.43 -14.01
N LEU B 188 8.66 -3.04 -14.14
CA LEU B 188 8.31 -1.64 -14.34
C LEU B 188 8.72 -0.80 -13.14
N LEU B 189 8.69 -1.41 -11.96
CA LEU B 189 9.12 -0.73 -10.75
C LEU B 189 10.61 -0.38 -10.83
N THR B 190 11.40 -1.29 -11.40
CA THR B 190 12.83 -1.06 -11.51
C THR B 190 13.09 0.07 -12.50
N GLU B 191 12.22 0.19 -13.50
CA GLU B 191 12.31 1.27 -14.47
C GLU B 191 12.05 2.63 -13.82
N LEU B 192 11.03 2.68 -12.96
CA LEU B 192 10.72 3.91 -12.24
C LEU B 192 11.86 4.32 -11.34
N THR B 193 12.37 3.36 -10.57
CA THR B 193 13.39 3.64 -9.56
C THR B 193 14.78 3.83 -10.14
N THR B 194 14.99 3.40 -11.39
CA THR B 194 16.25 3.67 -12.08
C THR B 194 16.07 4.81 -13.07
N LYS B 195 14.83 5.27 -13.22
CA LYS B 195 14.52 6.39 -14.08
C LYS B 195 14.79 6.10 -15.55
N GLY B 196 14.29 4.96 -16.03
CA GLY B 196 14.31 4.67 -17.45
C GLY B 196 15.27 3.58 -17.89
N ARG B 197 16.25 3.25 -17.05
CA ARG B 197 17.28 2.28 -17.42
C ARG B 197 16.67 0.95 -17.85
N VAL B 198 17.35 0.26 -18.75
CA VAL B 198 16.91 -1.05 -19.21
C VAL B 198 17.18 -2.10 -18.14
N PRO B 199 16.21 -3.00 -17.91
CA PRO B 199 16.37 -4.07 -16.91
C PRO B 199 17.57 -4.98 -17.19
N TYR B 200 18.08 -5.64 -16.15
CA TYR B 200 19.20 -6.56 -16.28
C TYR B 200 20.35 -5.94 -17.07
N PRO B 201 20.88 -4.82 -16.59
CA PRO B 201 21.95 -4.09 -17.29
C PRO B 201 23.11 -4.98 -17.70
N GLY B 202 23.51 -4.89 -18.96
CA GLY B 202 24.64 -5.65 -19.46
C GLY B 202 24.26 -7.01 -20.01
N MET B 203 23.31 -7.69 -19.36
CA MET B 203 22.91 -9.02 -19.77
C MET B 203 22.12 -8.99 -21.07
N VAL B 204 22.28 -10.04 -21.88
CA VAL B 204 21.51 -10.18 -23.11
C VAL B 204 20.36 -11.15 -22.85
N ASN B 205 19.33 -11.08 -23.67
CA ASN B 205 18.12 -11.88 -23.48
C ASN B 205 18.41 -13.31 -23.05
N ARG B 206 19.41 -13.93 -23.68
CA ARG B 206 19.74 -15.33 -23.39
C ARG B 206 20.23 -15.50 -21.96
N GLU B 207 21.10 -14.59 -21.51
CA GLU B 207 21.60 -14.63 -20.14
C GLU B 207 20.48 -14.37 -19.14
N VAL B 208 19.47 -13.62 -19.56
CA VAL B 208 18.35 -13.29 -18.70
C VAL B 208 17.49 -14.51 -18.43
N LEU B 209 17.22 -15.29 -19.47
CA LEU B 209 16.43 -16.51 -19.32
C LEU B 209 17.16 -17.54 -18.47
N ASP B 210 18.43 -17.76 -18.78
CA ASP B 210 19.23 -18.75 -18.05
C ASP B 210 19.38 -18.36 -16.58
N GLN B 211 19.58 -17.07 -16.33
CA GLN B 211 19.81 -16.60 -14.97
C GLN B 211 18.52 -16.55 -14.15
N VAL B 212 17.46 -15.98 -14.72
CA VAL B 212 16.19 -15.87 -14.03
C VAL B 212 15.63 -17.24 -13.69
N GLU B 213 15.88 -18.22 -14.56
CA GLU B 213 15.42 -19.58 -14.31
C GLU B 213 16.15 -20.20 -13.12
N ARG B 214 17.39 -19.77 -12.89
CA ARG B 214 18.19 -20.28 -11.78
C ARG B 214 17.95 -19.51 -10.49
N GLY B 215 16.99 -18.59 -10.50
CA GLY B 215 16.59 -17.90 -9.29
C GLY B 215 17.14 -16.48 -9.18
N TYR B 216 17.97 -16.08 -10.13
CA TYR B 216 18.52 -14.73 -10.12
C TYR B 216 17.42 -13.68 -10.23
N ARG B 217 17.53 -12.62 -9.43
CA ARG B 217 16.63 -11.49 -9.51
C ARG B 217 17.44 -10.20 -9.37
N MET B 218 17.04 -9.16 -10.08
CA MET B 218 17.73 -7.87 -10.01
C MET B 218 17.86 -7.42 -8.55
N PRO B 219 19.01 -6.81 -8.21
CA PRO B 219 19.25 -6.33 -6.86
C PRO B 219 18.49 -5.04 -6.56
N CYS B 220 18.64 -4.52 -5.36
CA CYS B 220 17.98 -3.28 -4.96
C CYS B 220 18.66 -2.09 -5.62
N PRO B 221 17.90 -1.31 -6.42
CA PRO B 221 18.46 -0.13 -7.08
C PRO B 221 19.01 0.88 -6.07
N PRO B 222 20.04 1.64 -6.45
CA PRO B 222 20.63 2.64 -5.56
C PRO B 222 19.59 3.57 -4.93
N GLU B 223 19.71 3.78 -3.62
CA GLU B 223 18.83 4.70 -2.90
C GLU B 223 17.37 4.25 -2.86
N CYS B 224 17.09 3.05 -3.35
CA CYS B 224 15.73 2.52 -3.31
C CYS B 224 15.57 1.69 -2.04
N PRO B 225 14.60 2.06 -1.18
CA PRO B 225 14.37 1.32 0.07
C PRO B 225 14.17 -0.17 -0.17
N GLU B 226 14.68 -1.00 0.73
CA GLU B 226 14.57 -2.45 0.60
C GLU B 226 13.11 -2.90 0.62
N SER B 227 12.26 -2.13 1.28
CA SER B 227 10.84 -2.46 1.35
C SER B 227 10.22 -2.46 -0.04
N LEU B 228 10.62 -1.51 -0.86
CA LEU B 228 10.09 -1.39 -2.21
C LEU B 228 10.66 -2.49 -3.11
N HIS B 229 11.93 -2.83 -2.88
CA HIS B 229 12.57 -3.89 -3.64
C HIS B 229 11.99 -5.24 -3.21
N ASP B 230 11.53 -5.33 -1.97
CA ASP B 230 10.87 -6.52 -1.49
C ASP B 230 9.59 -6.75 -2.28
N LEU B 231 8.87 -5.66 -2.53
CA LEU B 231 7.64 -5.72 -3.31
C LEU B 231 7.93 -6.27 -4.70
N MET B 232 9.02 -5.82 -5.29
CA MET B 232 9.44 -6.31 -6.60
C MET B 232 9.59 -7.82 -6.55
N CYS B 233 10.38 -8.30 -5.60
CA CYS B 233 10.63 -9.73 -5.46
C CYS B 233 9.35 -10.53 -5.26
N GLN B 234 8.34 -9.92 -4.66
CA GLN B 234 7.04 -10.56 -4.51
C GLN B 234 6.40 -10.73 -5.88
N CYS B 235 6.56 -9.73 -6.74
CA CYS B 235 6.05 -9.78 -8.10
C CYS B 235 6.81 -10.82 -8.93
N TRP B 236 8.04 -11.11 -8.51
CA TRP B 236 8.92 -11.99 -9.29
C TRP B 236 8.98 -13.41 -8.72
N ARG B 237 8.11 -13.73 -7.78
CA ARG B 237 8.12 -15.06 -7.18
C ARG B 237 7.93 -16.13 -8.26
N LYS B 238 8.62 -17.26 -8.09
CA LYS B 238 8.60 -18.33 -9.07
C LYS B 238 7.18 -18.82 -9.32
N ASP B 239 6.41 -18.97 -8.26
CA ASP B 239 5.02 -19.43 -8.36
C ASP B 239 4.10 -18.26 -8.65
N PRO B 240 3.44 -18.26 -9.83
CA PRO B 240 2.55 -17.18 -10.23
C PRO B 240 1.49 -16.85 -9.20
N GLU B 241 0.80 -17.88 -8.71
CA GLU B 241 -0.30 -17.69 -7.77
C GLU B 241 0.15 -17.03 -6.46
N GLU B 242 1.46 -17.06 -6.20
CA GLU B 242 2.01 -16.49 -4.98
C GLU B 242 2.31 -14.99 -5.13
N ARG B 243 2.29 -14.50 -6.36
CA ARG B 243 2.49 -13.07 -6.59
C ARG B 243 1.25 -12.30 -6.15
N PRO B 244 1.44 -11.04 -5.73
CA PRO B 244 0.30 -10.22 -5.27
C PRO B 244 -0.64 -9.82 -6.40
N THR B 245 -1.85 -9.42 -6.04
CA THR B 245 -2.80 -8.87 -7.00
C THR B 245 -2.49 -7.38 -7.20
N PHE B 246 -3.00 -6.82 -8.30
CA PHE B 246 -2.81 -5.39 -8.55
C PHE B 246 -3.59 -4.57 -7.52
N GLU B 247 -4.63 -5.17 -6.96
CA GLU B 247 -5.40 -4.54 -5.90
C GLU B 247 -4.50 -4.36 -4.67
N TYR B 248 -3.76 -5.41 -4.34
CA TYR B 248 -2.81 -5.34 -3.23
C TYR B 248 -1.72 -4.32 -3.53
N LEU B 249 -1.18 -4.39 -4.75
CA LEU B 249 -0.11 -3.50 -5.16
C LEU B 249 -0.56 -2.04 -5.09
N GLN B 250 -1.76 -1.77 -5.58
CA GLN B 250 -2.31 -0.43 -5.57
C GLN B 250 -2.37 0.11 -4.14
N ALA B 251 -3.04 -0.63 -3.26
CA ALA B 251 -3.21 -0.22 -1.88
C ALA B 251 -1.86 0.01 -1.22
N PHE B 252 -0.93 -0.91 -1.44
CA PHE B 252 0.39 -0.84 -0.84
C PHE B 252 1.12 0.43 -1.27
N LEU B 253 1.01 0.78 -2.55
CA LEU B 253 1.72 1.93 -3.09
C LEU B 253 1.08 3.25 -2.67
N GLU B 254 -0.25 3.26 -2.59
CA GLU B 254 -0.98 4.44 -2.17
C GLU B 254 -0.64 4.84 -0.74
N ASP B 255 -0.34 3.84 0.10
CA ASP B 255 -0.11 4.07 1.52
C ASP B 255 1.37 4.02 1.89
N TYR B 256 2.23 3.91 0.89
CA TYR B 256 3.65 3.62 1.11
C TYR B 256 4.30 4.48 2.20
N PHE B 257 4.23 5.80 2.03
CA PHE B 257 4.98 6.71 2.90
C PHE B 257 4.33 6.95 4.26
N THR B 258 3.26 6.22 4.56
CA THR B 258 2.63 6.28 5.87
C THR B 258 2.73 4.94 6.60
N SER B 259 2.46 3.86 5.87
CA SER B 259 2.43 2.52 6.46
C SER B 259 3.77 1.80 6.40
N THR B 260 4.57 2.11 5.39
CA THR B 260 5.79 1.35 5.13
C THR B 260 7.07 2.16 5.37
N GLU B 261 7.11 3.39 4.86
CA GLU B 261 8.29 4.23 5.03
C GLU B 261 7.92 5.62 5.55
N PRO B 262 7.38 5.67 6.78
CA PRO B 262 7.01 6.94 7.40
C PRO B 262 8.23 7.81 7.73
N GLN B 263 9.42 7.22 7.66
CA GLN B 263 10.65 7.94 7.98
C GLN B 263 11.49 8.20 6.74
N TYR B 264 10.82 8.25 5.58
CA TYR B 264 11.52 8.51 4.33
C TYR B 264 12.08 9.91 4.26
N GLN B 265 13.34 10.01 3.82
CA GLN B 265 13.99 11.29 3.62
C GLN B 265 14.58 11.34 2.21
N PRO B 266 14.32 12.44 1.49
CA PRO B 266 14.81 12.57 0.11
C PRO B 266 16.34 12.53 0.04
N GLY B 267 16.87 11.89 -1.00
CA GLY B 267 18.30 11.78 -1.18
C GLY B 267 18.76 12.44 -2.47
N GLU B 268 19.88 11.97 -3.00
CA GLU B 268 20.47 12.56 -4.20
C GLU B 268 19.64 12.27 -5.45
N ASN B 269 19.05 11.08 -5.50
CA ASN B 269 18.30 10.65 -6.68
C ASN B 269 16.87 10.18 -6.39
N LEU B 270 16.65 9.62 -5.21
CA LEU B 270 15.33 9.12 -4.83
C LEU B 270 14.92 9.62 -3.45
C20 VGG C . 8.99 -3.39 15.36
C19 VGG C . 8.79 -4.83 15.71
C21 VGG C . 7.55 -5.31 15.02
C22 VGG C . 9.96 -5.62 15.23
N7 VGG C . 8.63 -4.97 17.13
N8 VGG C . 8.63 -3.95 17.99
C3 VGG C . 8.48 -6.16 17.79
N2 VGG C . 8.41 -7.45 17.36
C1 VGG C . 8.24 -8.47 18.22
N6 VGG C . 8.12 -8.25 19.54
C5 VGG C . 8.18 -6.99 20.05
N10 VGG C . 8.05 -6.87 21.47
C4 VGG C . 8.36 -5.88 19.16
C9 VGG C . 8.47 -4.42 19.23
C11 VGG C . 8.43 -3.49 20.41
C12 VGG C . 9.36 -3.91 21.48
C13 VGG C . 8.98 -3.77 22.81
C17 VGG C . 10.62 -4.43 21.18
C16 VGG C . 11.47 -4.81 22.19
C15 VGG C . 11.09 -4.66 23.52
C14 VGG C . 9.85 -4.15 23.83
C18 VGG C . 9.42 -3.99 25.25
H201 VGG C . 8.31 -2.85 15.78
H202 VGG C . 8.94 -3.28 14.39
H203 VGG C . 9.87 -3.10 15.67
H211 VGG C . 7.50 -6.28 15.09
H212 VGG C . 6.77 -4.92 15.46
H213 VGG C . 7.57 -5.05 14.09
H221 VGG C . 10.17 -5.37 14.31
H222 VGG C . 10.73 -5.44 15.81
H223 VGG C . 9.74 -6.57 15.27
H1 VGG C . 8.21 -9.38 17.88
H101 VGG C . 8.22 -6.08 21.88
H102 VGG C . 7.78 -7.57 21.98
H111 VGG C . 8.68 -2.61 20.11
H112 VGG C . 7.52 -3.46 20.77
H13 VGG C . 8.10 -3.40 23.03
H17 VGG C . 10.88 -4.52 20.25
H16 VGG C . 12.35 -5.17 21.98
H15 VGG C . 11.70 -4.93 24.23
H181 VGG C . 8.45 -3.93 25.29
H182 VGG C . 9.72 -4.76 25.76
H183 VGG C . 9.82 -3.18 25.62
C20 VGG D . 3.90 6.97 -29.26
C19 VGG D . 3.32 8.20 -28.64
C21 VGG D . 4.08 8.52 -27.40
C22 VGG D . 3.46 9.34 -29.60
N7 VGG D . 1.94 7.98 -28.33
N8 VGG D . 1.32 6.82 -28.49
C3 VGG D . 1.08 8.91 -27.80
N2 VGG D . 1.25 10.23 -27.46
C1 VGG D . 0.25 10.96 -26.96
N6 VGG D . -0.97 10.42 -26.78
C5 VGG D . -1.22 9.12 -27.09
N10 VGG D . -2.55 8.66 -26.84
C4 VGG D . -0.17 8.30 -27.63
C9 VGG D . 0.04 6.93 -28.10
C11 VGG D . -0.89 5.76 -28.17
C12 VGG D . -2.19 6.11 -28.83
C13 VGG D . -3.38 5.67 -28.27
C17 VGG D . -2.20 6.85 -30.01
C16 VGG D . -3.41 7.15 -30.62
C15 VGG D . -4.60 6.71 -30.04
C14 VGG D . -4.58 5.97 -28.88
C18 VGG D . -5.85 5.49 -28.26
H201 VGG D . 3.52 6.85 -30.15
H202 VGG D . 4.87 7.08 -29.33
H203 VGG D . 3.69 6.20 -28.71
H211 VGG D . 5.04 8.48 -27.58
H212 VGG D . 3.86 7.86 -26.71
H213 VGG D . 3.84 9.41 -27.09
H221 VGG D . 3.27 10.18 -29.15
H222 VGG D . 2.82 9.22 -30.34
H223 VGG D . 4.36 9.36 -29.97
H1 VGG D . 0.40 11.90 -26.73
H101 VGG D . -2.81 7.85 -27.17
H102 VGG D . -3.14 9.16 -26.37
H111 VGG D . -0.47 5.07 -28.68
H112 VGG D . -1.07 5.44 -27.27
H13 VGG D . -3.36 5.15 -27.45
H17 VGG D . -1.37 7.15 -30.40
H16 VGG D . -3.43 7.66 -31.43
H15 VGG D . -5.45 6.93 -30.47
H181 VGG D . -6.56 5.50 -28.93
H182 VGG D . -6.11 6.08 -27.53
H183 VGG D . -5.74 4.58 -27.93
#